data_4PN2
#
_entry.id   4PN2
#
_cell.length_a   49.284
_cell.length_b   83.199
_cell.length_c   72.050
_cell.angle_alpha   90.000
_cell.angle_beta   90.070
_cell.angle_gamma   90.000
#
_symmetry.space_group_name_H-M   'P 1 21 1'
#
loop_
_entity.id
_entity.type
_entity.pdbx_description
1 polymer Xylanase
2 non-polymer 'CALCIUM ION'
3 non-polymer beta-D-xylopyranose
4 water water
#
_entity_poly.entity_id   1
_entity_poly.type   'polypeptide(L)'
_entity_poly.pdbx_seq_one_letter_code
;AAPLAATASKFLGCAYGAQQAPGFAQYWNKLTPENGGKWGSVEAVRDQMDWSTLDAAYRFAQANQMPFQMHVMVWGNQQP
EWIKTLRPAEQRREIEQWFAAVAQRYPDIALLEVVNEPLNDPPSKADTGGGNYLQALGGNGDSGWEWVLQSFRLARRHFP
HTKLMINDYSITSSAQATQKYLQIVRLLQRENLVDAIGVQEHAFETTPEVAVSVHRDNLDALAATGLPIYITEFDLDGPT
DAQQLADYKRVFPVFWEHPAVHGITLWGFRPGLWRDKEAAYLIRADGTERPALTWLRDYVAAHPG
;
_entity_poly.pdbx_strand_id   A,B
#
# COMPACT_ATOMS: atom_id res chain seq x y z
N ALA A 1 -1.77 1.97 -38.02
CA ALA A 1 -2.04 0.62 -37.43
C ALA A 1 -1.77 0.64 -35.92
N ALA A 2 -2.80 0.32 -35.16
CA ALA A 2 -2.85 0.49 -33.71
C ALA A 2 -2.59 -0.77 -32.94
N PRO A 3 -2.08 -0.63 -31.69
CA PRO A 3 -1.73 -1.82 -30.95
C PRO A 3 -2.94 -2.76 -30.72
N LEU A 4 -2.67 -4.07 -30.55
CA LEU A 4 -3.76 -5.05 -30.49
C LEU A 4 -4.74 -4.72 -29.37
N ALA A 5 -4.21 -4.25 -28.23
CA ALA A 5 -5.06 -4.01 -27.05
C ALA A 5 -5.53 -2.58 -26.92
N ALA A 6 -5.55 -1.86 -28.04
CA ALA A 6 -5.82 -0.43 -27.97
C ALA A 6 -7.15 -0.12 -27.27
N THR A 7 -8.15 -0.98 -27.44
CA THR A 7 -9.46 -0.66 -26.87
C THR A 7 -9.84 -1.62 -25.76
N ALA A 8 -8.84 -2.35 -25.29
CA ALA A 8 -9.11 -3.31 -24.23
C ALA A 8 -9.00 -2.75 -22.84
N SER A 9 -9.56 -3.51 -21.89
CA SER A 9 -9.57 -3.13 -20.45
C SER A 9 -8.23 -3.46 -19.74
N LYS A 10 -7.32 -4.14 -20.44
CA LYS A 10 -6.00 -4.50 -19.86
C LYS A 10 -4.97 -4.45 -20.98
N PHE A 11 -3.69 -4.23 -20.60
CA PHE A 11 -2.66 -4.06 -21.62
C PHE A 11 -2.18 -5.38 -22.22
N LEU A 12 -1.64 -5.31 -23.44
CA LEU A 12 -0.96 -6.44 -24.07
C LEU A 12 0.38 -5.86 -24.55
N GLY A 13 1.40 -6.17 -23.76
CA GLY A 13 2.73 -5.59 -23.85
C GLY A 13 3.73 -6.63 -24.39
N CYS A 14 5.00 -6.25 -24.52
CA CYS A 14 6.02 -7.16 -25.00
C CYS A 14 7.38 -6.79 -24.42
N ALA A 15 8.28 -7.75 -24.27
CA ALA A 15 9.71 -7.47 -24.02
C ALA A 15 10.26 -6.60 -25.14
N TYR A 16 11.11 -5.63 -24.79
CA TYR A 16 11.65 -4.66 -25.73
C TYR A 16 13.19 -4.77 -25.72
N GLY A 17 13.77 -4.67 -26.91
CA GLY A 17 15.24 -4.60 -27.12
C GLY A 17 15.40 -4.47 -28.64
N ALA A 18 16.65 -4.45 -29.12
CA ALA A 18 16.93 -4.12 -30.51
C ALA A 18 16.20 -4.99 -31.52
N GLN A 19 16.13 -6.33 -31.29
CA GLN A 19 15.48 -7.20 -32.29
C GLN A 19 13.98 -7.16 -32.22
N GLN A 20 13.41 -6.67 -31.12
CA GLN A 20 11.96 -6.59 -30.98
C GLN A 20 11.50 -5.21 -31.38
N ALA A 21 12.47 -4.27 -31.62
CA ALA A 21 12.12 -2.82 -31.90
C ALA A 21 11.24 -2.55 -33.13
N PRO A 22 11.49 -3.24 -34.27
CA PRO A 22 10.77 -2.83 -35.47
C PRO A 22 9.25 -2.98 -35.34
N GLY A 23 8.54 -1.90 -35.62
CA GLY A 23 7.10 -1.90 -35.54
C GLY A 23 6.49 -2.08 -34.16
N PHE A 24 7.32 -2.04 -33.12
CA PHE A 24 6.84 -2.41 -31.77
C PHE A 24 5.51 -1.72 -31.41
N ALA A 25 5.45 -0.39 -31.57
CA ALA A 25 4.27 0.33 -31.14
C ALA A 25 3.00 0.12 -31.96
N GLN A 26 3.17 -0.51 -33.10
CA GLN A 26 2.02 -0.90 -33.93
C GLN A 26 1.34 -2.19 -33.41
N TYR A 27 2.00 -2.86 -32.44
CA TYR A 27 1.48 -4.11 -31.89
C TYR A 27 1.15 -4.02 -30.39
N TRP A 28 2.10 -3.46 -29.63
CA TRP A 28 2.09 -3.57 -28.14
C TRP A 28 1.84 -2.24 -27.47
N ASN A 29 1.26 -2.25 -26.27
CA ASN A 29 1.00 -1.01 -25.60
C ASN A 29 1.53 -0.96 -24.17
N LYS A 30 2.64 -1.68 -23.93
CA LYS A 30 3.25 -1.79 -22.60
C LYS A 30 4.59 -2.49 -22.87
N LEU A 31 5.60 -2.21 -22.07
CA LEU A 31 6.87 -2.84 -22.33
C LEU A 31 7.59 -3.24 -21.03
N THR A 32 8.46 -4.24 -21.20
CA THR A 32 9.48 -4.58 -20.21
C THR A 32 10.81 -4.62 -20.94
N PRO A 33 11.88 -4.01 -20.36
CA PRO A 33 13.20 -4.19 -20.96
C PRO A 33 13.68 -5.60 -20.86
N GLU A 34 14.06 -6.18 -22.00
CA GLU A 34 14.45 -7.61 -21.95
C GLU A 34 15.70 -7.92 -21.09
N ASN A 35 16.71 -7.05 -21.16
CA ASN A 35 17.96 -7.34 -20.53
C ASN A 35 18.60 -6.15 -19.86
N GLY A 36 18.35 -4.95 -20.36
CA GLY A 36 19.06 -3.75 -19.88
C GLY A 36 18.81 -3.28 -18.47
N GLY A 37 17.74 -3.71 -17.83
CA GLY A 37 17.50 -3.42 -16.41
C GLY A 37 17.92 -4.48 -15.42
N LYS A 38 18.59 -5.51 -15.91
CA LYS A 38 19.20 -6.45 -15.00
C LYS A 38 20.45 -5.79 -14.43
N TRP A 39 20.72 -6.11 -13.18
CA TRP A 39 21.81 -5.38 -12.51
C TRP A 39 23.16 -5.56 -13.17
N GLY A 40 23.45 -6.74 -13.62
CA GLY A 40 24.73 -7.00 -14.32
C GLY A 40 24.86 -6.28 -15.66
N SER A 41 23.72 -5.87 -16.23
CA SER A 41 23.74 -5.03 -17.47
C SER A 41 24.15 -3.59 -17.18
N VAL A 42 23.64 -3.07 -16.05
CA VAL A 42 23.93 -1.70 -15.67
C VAL A 42 25.29 -1.50 -14.96
N GLU A 43 25.67 -2.40 -14.06
CA GLU A 43 26.83 -2.23 -13.21
C GLU A 43 27.77 -3.41 -13.36
N ALA A 44 28.10 -3.68 -14.62
CA ALA A 44 29.08 -4.81 -14.87
C ALA A 44 30.44 -4.56 -14.20
N VAL A 45 30.79 -3.29 -14.17
CA VAL A 45 31.98 -2.80 -13.45
C VAL A 45 31.53 -1.96 -12.26
N ARG A 46 32.09 -2.32 -11.07
CA ARG A 46 31.63 -1.68 -9.83
C ARG A 46 31.74 -0.14 -9.92
N ASP A 47 30.64 0.53 -9.51
CA ASP A 47 30.58 2.02 -9.39
C ASP A 47 30.75 2.74 -10.71
N GLN A 48 30.42 2.09 -11.83
CA GLN A 48 30.19 2.86 -13.03
C GLN A 48 28.93 2.29 -13.65
N MET A 49 27.97 3.15 -13.87
CA MET A 49 26.62 2.69 -14.25
C MET A 49 26.50 2.96 -15.74
N ASP A 50 26.19 1.96 -16.52
CA ASP A 50 25.87 2.08 -17.95
C ASP A 50 24.37 1.95 -18.14
N TRP A 51 23.69 3.09 -18.21
CA TRP A 51 22.25 3.11 -18.29
C TRP A 51 21.75 3.05 -19.75
N SER A 52 22.66 2.85 -20.71
CA SER A 52 22.29 3.15 -22.10
C SER A 52 21.11 2.32 -22.56
N THR A 53 21.12 0.99 -22.29
CA THR A 53 20.07 0.10 -22.84
C THR A 53 18.76 0.30 -22.06
N LEU A 54 18.88 0.53 -20.74
CA LEU A 54 17.68 0.76 -19.91
C LEU A 54 17.04 2.12 -20.30
N ASP A 55 17.90 3.07 -20.54
CA ASP A 55 17.45 4.44 -20.94
C ASP A 55 16.70 4.29 -22.27
N ALA A 56 17.22 3.45 -23.17
CA ALA A 56 16.58 3.27 -24.48
C ALA A 56 15.16 2.73 -24.29
N ALA A 57 14.97 1.76 -23.37
CA ALA A 57 13.62 1.20 -23.20
C ALA A 57 12.68 2.23 -22.53
N TYR A 58 13.21 2.90 -21.48
CA TYR A 58 12.37 3.86 -20.75
C TYR A 58 11.94 5.04 -21.65
N ARG A 59 12.86 5.57 -22.45
CA ARG A 59 12.63 6.73 -23.36
C ARG A 59 11.61 6.32 -24.44
N PHE A 60 11.78 5.13 -24.96
CA PHE A 60 10.81 4.62 -25.92
C PHE A 60 9.42 4.49 -25.27
N ALA A 61 9.35 3.87 -24.09
CA ALA A 61 8.05 3.73 -23.42
C ALA A 61 7.37 5.06 -23.20
N GLN A 62 8.14 6.05 -22.68
CA GLN A 62 7.59 7.38 -22.46
C GLN A 62 7.13 8.07 -23.73
N ALA A 63 7.90 7.93 -24.81
CA ALA A 63 7.58 8.55 -26.10
C ALA A 63 6.29 8.04 -26.65
N ASN A 64 5.97 6.78 -26.28
CA ASN A 64 4.80 6.05 -26.76
C ASN A 64 3.69 5.87 -25.75
N GLN A 65 3.76 6.64 -24.64
CA GLN A 65 2.78 6.56 -23.56
C GLN A 65 2.43 5.13 -23.17
N MET A 66 3.44 4.29 -23.05
CA MET A 66 3.12 2.97 -22.54
C MET A 66 3.69 2.68 -21.17
N PRO A 67 2.96 1.91 -20.39
CA PRO A 67 3.46 1.66 -19.04
C PRO A 67 4.78 0.91 -19.17
N PHE A 68 5.68 1.24 -18.23
CA PHE A 68 6.99 0.62 -18.16
C PHE A 68 7.08 -0.30 -16.93
N GLN A 69 7.51 -1.52 -17.17
CA GLN A 69 7.77 -2.50 -16.07
C GLN A 69 9.30 -2.56 -15.93
N MET A 70 9.79 -2.17 -14.75
CA MET A 70 11.22 -2.28 -14.53
C MET A 70 11.52 -3.75 -14.20
N HIS A 71 12.44 -4.34 -14.99
CA HIS A 71 12.85 -5.74 -14.86
C HIS A 71 14.38 -5.64 -14.79
N VAL A 72 14.99 -5.96 -13.65
CA VAL A 72 14.43 -6.55 -12.46
C VAL A 72 15.43 -6.25 -11.34
N MET A 73 14.94 -6.02 -10.11
CA MET A 73 15.92 -5.53 -9.09
C MET A 73 16.81 -6.67 -8.51
N VAL A 74 16.19 -7.80 -8.15
CA VAL A 74 16.91 -8.95 -7.53
C VAL A 74 16.52 -10.17 -8.35
N TRP A 75 17.57 -10.89 -8.79
CA TRP A 75 17.38 -12.17 -9.53
C TRP A 75 18.68 -12.94 -9.39
N GLY A 76 18.69 -14.21 -9.72
CA GLY A 76 19.90 -15.05 -9.59
C GLY A 76 20.69 -15.29 -10.83
N ASN A 77 20.41 -14.51 -11.88
CA ASN A 77 21.24 -14.48 -13.11
C ASN A 77 21.46 -13.03 -13.56
N GLN A 78 22.55 -12.82 -14.30
CA GLN A 78 22.83 -11.54 -14.97
C GLN A 78 22.99 -10.48 -13.87
N GLN A 79 23.58 -10.88 -12.72
CA GLN A 79 23.94 -9.96 -11.64
C GLN A 79 25.40 -9.63 -11.82
N PRO A 80 25.84 -8.50 -11.18
CA PRO A 80 27.27 -8.14 -11.37
C PRO A 80 28.24 -9.23 -10.88
N GLU A 81 29.42 -9.36 -11.49
CA GLU A 81 30.36 -10.41 -11.07
C GLU A 81 31.14 -9.99 -9.79
N TRP A 82 31.43 -8.69 -9.68
CA TRP A 82 32.33 -8.20 -8.60
C TRP A 82 31.66 -8.31 -7.21
N ILE A 83 30.33 -8.50 -7.16
CA ILE A 83 29.67 -8.48 -5.88
C ILE A 83 29.83 -9.80 -5.14
N LYS A 84 30.17 -10.86 -5.89
CA LYS A 84 30.10 -12.23 -5.38
C LYS A 84 31.00 -12.43 -4.18
N THR A 85 32.17 -11.73 -4.16
CA THR A 85 33.20 -11.97 -3.16
C THR A 85 33.24 -10.98 -2.01
N LEU A 86 32.37 -9.98 -2.09
CA LEU A 86 32.32 -8.93 -1.04
C LEU A 86 31.66 -9.50 0.20
N ARG A 87 31.95 -8.95 1.37
CA ARG A 87 31.31 -9.40 2.58
C ARG A 87 29.86 -8.92 2.57
N PRO A 88 28.97 -9.67 3.21
CA PRO A 88 27.54 -9.34 3.12
C PRO A 88 27.19 -7.91 3.45
N ALA A 89 27.88 -7.30 4.43
CA ALA A 89 27.54 -5.92 4.72
C ALA A 89 27.83 -5.01 3.52
N GLU A 90 28.94 -5.29 2.84
CA GLU A 90 29.26 -4.48 1.65
C GLU A 90 28.35 -4.78 0.48
N GLN A 91 28.02 -6.02 0.31
CA GLN A 91 27.03 -6.39 -0.73
C GLN A 91 25.73 -5.63 -0.51
N ARG A 92 25.30 -5.55 0.75
CA ARG A 92 24.03 -4.91 1.08
C ARG A 92 24.02 -3.44 0.71
N ARG A 93 25.14 -2.75 1.03
CA ARG A 93 25.24 -1.34 0.64
C ARG A 93 25.20 -1.17 -0.85
N GLU A 94 25.78 -2.10 -1.59
CA GLU A 94 25.64 -2.05 -3.06
C GLU A 94 24.18 -2.26 -3.54
N ILE A 95 23.48 -3.16 -2.89
CA ILE A 95 22.08 -3.47 -3.28
C ILE A 95 21.27 -2.17 -3.04
N GLU A 96 21.44 -1.60 -1.85
CA GLU A 96 20.73 -0.39 -1.51
C GLU A 96 21.03 0.74 -2.52
N GLN A 97 22.33 0.90 -2.87
CA GLN A 97 22.67 1.93 -3.80
C GLN A 97 22.05 1.68 -5.18
N TRP A 98 22.00 0.45 -5.61
CA TRP A 98 21.30 0.04 -6.88
C TRP A 98 19.80 0.40 -6.87
N PHE A 99 19.17 0.18 -5.73
CA PHE A 99 17.74 0.53 -5.60
C PHE A 99 17.55 2.01 -5.72
N ALA A 100 18.39 2.77 -4.96
CA ALA A 100 18.23 4.16 -4.90
C ALA A 100 18.52 4.75 -6.26
N ALA A 101 19.54 4.23 -6.94
CA ALA A 101 19.91 4.71 -8.31
C ALA A 101 18.79 4.63 -9.32
N VAL A 102 18.15 3.46 -9.35
CA VAL A 102 16.98 3.19 -10.25
C VAL A 102 15.78 4.11 -9.91
N ALA A 103 15.45 4.18 -8.62
CA ALA A 103 14.38 5.07 -8.17
C ALA A 103 14.60 6.52 -8.59
N GLN A 104 15.84 7.03 -8.47
CA GLN A 104 16.15 8.40 -8.80
C GLN A 104 16.05 8.66 -10.29
N ARG A 105 16.57 7.72 -11.09
CA ARG A 105 16.69 7.93 -12.54
C ARG A 105 15.34 7.77 -13.28
N TYR A 106 14.48 6.90 -12.75
CA TYR A 106 13.25 6.44 -13.44
C TYR A 106 11.99 6.68 -12.63
N PRO A 107 11.60 7.95 -12.51
CA PRO A 107 10.48 8.28 -11.62
C PRO A 107 9.14 7.70 -12.01
N ASP A 108 8.97 7.28 -13.26
CA ASP A 108 7.63 6.88 -13.77
C ASP A 108 7.57 5.41 -14.15
N ILE A 109 8.08 4.60 -13.25
CA ILE A 109 7.93 3.14 -13.38
C ILE A 109 6.49 2.72 -13.04
N ALA A 110 5.79 2.11 -13.97
CA ALA A 110 4.41 1.61 -13.64
C ALA A 110 4.39 0.44 -12.66
N LEU A 111 5.26 -0.54 -12.95
CA LEU A 111 5.35 -1.78 -12.10
C LEU A 111 6.82 -2.06 -11.87
N LEU A 112 7.20 -2.13 -10.58
CA LEU A 112 8.57 -2.50 -10.26
C LEU A 112 8.63 -4.01 -9.93
N GLU A 113 9.37 -4.76 -10.74
CA GLU A 113 9.57 -6.24 -10.47
C GLU A 113 10.78 -6.25 -9.48
N VAL A 114 10.44 -6.45 -8.21
CA VAL A 114 11.46 -6.37 -7.16
C VAL A 114 12.26 -7.67 -7.12
N VAL A 115 11.58 -8.84 -7.08
CA VAL A 115 12.26 -10.17 -7.08
C VAL A 115 11.63 -10.98 -8.17
N ASN A 116 12.48 -11.60 -9.01
CA ASN A 116 12.00 -12.56 -9.95
C ASN A 116 12.51 -13.97 -9.51
N GLU A 117 11.66 -14.97 -9.66
CA GLU A 117 12.03 -16.36 -9.47
C GLU A 117 12.51 -16.76 -8.07
N PRO A 118 11.80 -16.38 -7.04
CA PRO A 118 12.22 -16.85 -5.68
C PRO A 118 12.16 -18.36 -5.49
N LEU A 119 11.18 -19.06 -6.13
CA LEU A 119 11.06 -20.50 -5.97
C LEU A 119 12.03 -21.29 -6.90
N ASN A 120 12.64 -20.64 -7.88
CA ASN A 120 13.45 -21.25 -8.87
C ASN A 120 14.91 -20.78 -8.97
N ASP A 121 15.17 -19.48 -8.82
CA ASP A 121 16.51 -18.92 -9.13
C ASP A 121 16.87 -17.79 -8.13
N PRO A 122 16.97 -18.13 -6.84
CA PRO A 122 17.42 -17.13 -5.83
C PRO A 122 18.87 -16.73 -6.11
N PRO A 123 19.28 -15.54 -5.63
CA PRO A 123 20.65 -15.04 -5.85
C PRO A 123 21.67 -15.67 -4.92
N SER A 124 21.76 -17.01 -4.93
CA SER A 124 22.53 -17.73 -3.95
C SER A 124 23.72 -18.49 -4.57
N LYS A 125 23.91 -18.33 -5.91
CA LYS A 125 24.98 -19.01 -6.63
C LYS A 125 26.13 -18.06 -6.91
N ALA A 126 27.31 -18.68 -7.06
CA ALA A 126 28.54 -17.91 -7.32
C ALA A 126 29.08 -18.17 -8.71
N ASP A 127 28.27 -18.81 -9.58
CA ASP A 127 28.65 -18.90 -10.97
C ASP A 127 28.48 -17.57 -11.76
N THR A 128 28.58 -17.63 -13.10
CA THR A 128 28.60 -16.37 -13.90
C THR A 128 27.27 -15.65 -13.77
N GLY A 129 27.32 -14.44 -13.22
CA GLY A 129 26.13 -13.61 -13.03
C GLY A 129 25.20 -14.04 -11.89
N GLY A 130 25.68 -14.94 -11.03
CA GLY A 130 24.93 -15.51 -9.92
C GLY A 130 24.60 -14.56 -8.79
N GLY A 131 25.53 -13.62 -8.59
CA GLY A 131 25.34 -12.61 -7.54
C GLY A 131 25.82 -13.02 -6.18
N ASN A 132 25.40 -14.17 -5.71
CA ASN A 132 25.92 -14.75 -4.43
C ASN A 132 25.73 -13.75 -3.31
N TYR A 133 24.57 -13.12 -3.26
CA TYR A 133 24.32 -12.07 -2.20
C TYR A 133 23.10 -12.34 -1.34
N LEU A 134 22.64 -13.60 -1.33
CA LEU A 134 21.47 -14.00 -0.52
C LEU A 134 21.62 -13.62 0.94
N GLN A 135 22.85 -13.77 1.48
CA GLN A 135 23.06 -13.43 2.90
C GLN A 135 23.09 -11.94 3.17
N ALA A 136 23.38 -11.10 2.15
CA ALA A 136 23.27 -9.65 2.34
C ALA A 136 21.86 -9.25 2.62
N LEU A 137 20.88 -10.03 2.22
CA LEU A 137 19.44 -9.75 2.41
C LEU A 137 18.88 -10.66 3.52
N GLY A 138 19.76 -11.21 4.38
CA GLY A 138 19.28 -12.06 5.51
C GLY A 138 19.07 -13.52 5.30
N GLY A 139 19.35 -13.97 4.07
CA GLY A 139 19.30 -15.41 3.77
C GLY A 139 17.84 -15.86 3.89
N ASN A 140 17.66 -17.09 4.31
CA ASN A 140 16.28 -17.61 4.49
C ASN A 140 15.59 -17.09 5.73
N GLY A 141 16.44 -16.86 6.76
CA GLY A 141 15.97 -16.41 8.01
C GLY A 141 14.86 -17.17 8.70
N ASP A 142 14.12 -16.53 9.61
CA ASP A 142 13.11 -17.18 10.44
C ASP A 142 11.99 -17.79 9.60
N SER A 143 11.52 -17.01 8.64
CA SER A 143 10.35 -17.36 7.85
C SER A 143 10.65 -18.28 6.67
N GLY A 144 11.94 -18.45 6.35
CA GLY A 144 12.35 -19.08 5.11
C GLY A 144 12.49 -18.21 3.86
N TRP A 145 11.99 -16.99 3.94
CA TRP A 145 12.00 -16.06 2.81
C TRP A 145 12.46 -14.73 3.24
N GLU A 146 13.31 -14.68 4.26
CA GLU A 146 13.78 -13.37 4.77
C GLU A 146 14.30 -12.50 3.64
N TRP A 147 15.15 -13.04 2.77
CA TRP A 147 15.72 -12.19 1.69
C TRP A 147 14.66 -11.59 0.78
N VAL A 148 13.49 -12.21 0.60
CA VAL A 148 12.46 -11.65 -0.22
C VAL A 148 11.83 -10.50 0.54
N LEU A 149 11.56 -10.72 1.85
CA LEU A 149 11.10 -9.58 2.69
C LEU A 149 12.04 -8.39 2.64
N GLN A 150 13.33 -8.62 2.84
CA GLN A 150 14.28 -7.54 2.79
C GLN A 150 14.30 -6.84 1.46
N SER A 151 14.16 -7.54 0.36
CA SER A 151 14.15 -6.91 -0.96
C SER A 151 12.93 -6.00 -1.13
N PHE A 152 11.76 -6.49 -0.75
CA PHE A 152 10.57 -5.66 -0.84
C PHE A 152 10.61 -4.51 0.16
N ARG A 153 11.14 -4.73 1.39
CA ARG A 153 11.32 -3.54 2.30
C ARG A 153 12.15 -2.45 1.63
N LEU A 154 13.27 -2.82 1.01
CA LEU A 154 14.11 -1.80 0.33
C LEU A 154 13.35 -1.09 -0.77
N ALA A 155 12.55 -1.83 -1.51
CA ALA A 155 11.79 -1.26 -2.59
C ALA A 155 10.73 -0.30 -2.06
N ARG A 156 10.06 -0.64 -0.98
CA ARG A 156 9.08 0.30 -0.36
C ARG A 156 9.73 1.56 0.09
N ARG A 157 10.91 1.43 0.71
CA ARG A 157 11.68 2.59 1.23
C ARG A 157 12.07 3.52 0.05
N HIS A 158 12.57 2.96 -1.04
CA HIS A 158 13.21 3.73 -2.13
C HIS A 158 12.27 4.16 -3.21
N PHE A 159 11.15 3.47 -3.31
CA PHE A 159 10.14 3.71 -4.31
C PHE A 159 8.77 3.88 -3.63
N PRO A 160 8.57 4.95 -2.84
CA PRO A 160 7.36 5.02 -1.98
C PRO A 160 6.04 5.12 -2.70
N HIS A 161 6.06 5.40 -4.01
CA HIS A 161 4.79 5.53 -4.74
C HIS A 161 4.63 4.55 -5.87
N THR A 162 5.48 3.50 -5.91
CA THR A 162 5.49 2.60 -7.06
C THR A 162 4.88 1.26 -6.69
N LYS A 163 3.99 0.76 -7.56
CA LYS A 163 3.46 -0.60 -7.43
C LYS A 163 4.59 -1.63 -7.50
N LEU A 164 4.69 -2.43 -6.44
CA LEU A 164 5.70 -3.56 -6.32
C LEU A 164 5.19 -4.90 -6.68
N MET A 165 5.95 -5.60 -7.53
CA MET A 165 5.53 -6.93 -8.03
CA MET A 165 5.54 -6.93 -8.03
C MET A 165 6.57 -8.01 -7.74
N ILE A 166 6.05 -9.20 -7.41
CA ILE A 166 6.85 -10.44 -7.38
C ILE A 166 6.57 -11.21 -8.65
N ASN A 167 7.58 -11.95 -9.16
CA ASN A 167 7.39 -12.67 -10.42
C ASN A 167 8.02 -14.04 -10.33
N ASP A 168 7.46 -15.07 -11.02
CA ASP A 168 8.09 -16.39 -11.03
C ASP A 168 7.48 -17.21 -12.16
N TYR A 169 7.98 -18.47 -12.37
CA TYR A 169 7.49 -19.40 -13.40
C TYR A 169 7.09 -20.73 -12.75
N SER A 170 6.28 -21.48 -13.50
CA SER A 170 5.82 -22.81 -13.14
C SER A 170 5.06 -22.72 -11.82
N ILE A 171 4.12 -21.79 -11.81
CA ILE A 171 3.24 -21.53 -10.69
C ILE A 171 1.85 -22.12 -10.93
N THR A 172 1.21 -21.72 -12.04
CA THR A 172 -0.18 -22.13 -12.28
C THR A 172 -0.34 -23.53 -12.79
N SER A 173 0.78 -24.15 -13.16
CA SER A 173 0.79 -25.50 -13.62
C SER A 173 0.57 -26.47 -12.48
N SER A 174 0.70 -26.09 -11.23
CA SER A 174 0.35 -26.99 -10.13
C SER A 174 -0.11 -26.29 -8.86
N ALA A 175 -1.12 -26.86 -8.22
CA ALA A 175 -1.61 -26.36 -6.93
C ALA A 175 -0.47 -26.26 -5.92
N GLN A 176 0.42 -27.27 -5.84
CA GLN A 176 1.47 -27.26 -4.81
C GLN A 176 2.37 -26.04 -5.04
N ALA A 177 2.73 -25.74 -6.27
CA ALA A 177 3.62 -24.60 -6.56
C ALA A 177 2.88 -23.30 -6.23
N THR A 178 1.61 -23.19 -6.58
CA THR A 178 0.77 -21.99 -6.31
C THR A 178 0.71 -21.81 -4.76
N GLN A 179 0.52 -22.90 -3.98
CA GLN A 179 0.51 -22.79 -2.49
C GLN A 179 1.86 -22.35 -1.93
N LYS A 180 2.96 -22.77 -2.54
CA LYS A 180 4.31 -22.31 -2.17
C LYS A 180 4.49 -20.86 -2.39
N TYR A 181 4.12 -20.46 -3.58
CA TYR A 181 4.27 -19.03 -3.98
C TYR A 181 3.43 -18.18 -3.04
N LEU A 182 2.22 -18.63 -2.74
CA LEU A 182 1.32 -17.85 -1.93
C LEU A 182 1.82 -17.75 -0.50
N GLN A 183 2.69 -18.67 -0.04
CA GLN A 183 3.31 -18.55 1.29
C GLN A 183 4.22 -17.33 1.30
N ILE A 184 4.97 -17.12 0.20
CA ILE A 184 5.82 -15.95 0.11
C ILE A 184 4.90 -14.75 0.11
N VAL A 185 3.79 -14.75 -0.65
CA VAL A 185 2.91 -13.60 -0.74
C VAL A 185 2.31 -13.30 0.66
N ARG A 186 1.96 -14.37 1.39
CA ARG A 186 1.41 -14.26 2.74
C ARG A 186 2.39 -13.54 3.69
N LEU A 187 3.64 -13.96 3.62
CA LEU A 187 4.71 -13.31 4.41
C LEU A 187 4.89 -11.83 4.02
N LEU A 188 4.95 -11.54 2.72
CA LEU A 188 5.02 -10.15 2.29
C LEU A 188 3.84 -9.35 2.79
N GLN A 189 2.63 -9.88 2.77
CA GLN A 189 1.43 -9.09 3.09
C GLN A 189 1.33 -8.84 4.59
N ARG A 190 2.03 -9.64 5.41
CA ARG A 190 2.08 -9.34 6.88
C ARG A 190 2.58 -7.93 7.08
N GLU A 191 3.42 -7.46 6.14
CA GLU A 191 3.96 -6.08 6.20
C GLU A 191 3.47 -5.26 5.01
N ASN A 192 2.40 -5.75 4.33
CA ASN A 192 1.86 -5.03 3.16
C ASN A 192 2.93 -4.60 2.14
N LEU A 193 3.84 -5.54 1.80
CA LEU A 193 5.02 -5.25 1.01
C LEU A 193 4.85 -5.45 -0.49
N VAL A 194 3.73 -6.08 -0.92
CA VAL A 194 3.64 -6.43 -2.33
C VAL A 194 2.27 -5.98 -2.87
N ASP A 195 2.28 -5.53 -4.17
CA ASP A 195 1.06 -4.96 -4.76
C ASP A 195 0.50 -5.73 -5.93
N ALA A 196 1.31 -6.64 -6.48
CA ALA A 196 0.93 -7.33 -7.67
C ALA A 196 1.65 -8.67 -7.71
N ILE A 197 0.96 -9.65 -8.30
CA ILE A 197 1.51 -11.04 -8.48
C ILE A 197 1.72 -11.31 -9.96
N GLY A 198 2.99 -11.56 -10.30
CA GLY A 198 3.34 -12.00 -11.67
C GLY A 198 3.64 -13.46 -11.81
N VAL A 199 3.18 -14.01 -12.93
CA VAL A 199 3.56 -15.38 -13.33
C VAL A 199 3.97 -15.33 -14.79
N GLN A 200 5.10 -15.97 -15.11
CA GLN A 200 5.68 -15.74 -16.44
C GLN A 200 4.82 -16.40 -17.58
N GLU A 201 4.48 -17.70 -17.45
CA GLU A 201 3.71 -18.45 -18.47
C GLU A 201 4.44 -18.50 -19.83
N HIS A 202 5.77 -18.84 -19.81
CA HIS A 202 6.43 -19.36 -21.01
C HIS A 202 5.84 -20.67 -21.49
N ALA A 203 6.19 -21.03 -22.73
CA ALA A 203 5.72 -22.28 -23.36
C ALA A 203 5.87 -23.49 -22.45
N PHE A 204 6.99 -23.58 -21.74
CA PHE A 204 7.26 -24.77 -20.97
C PHE A 204 6.34 -24.96 -19.75
N GLU A 205 5.60 -23.94 -19.45
CA GLU A 205 4.69 -23.90 -18.32
C GLU A 205 3.25 -24.22 -18.67
N THR A 206 2.92 -24.18 -19.96
CA THR A 206 1.52 -24.29 -20.37
C THR A 206 1.27 -25.48 -21.33
N THR A 207 2.16 -26.47 -21.34
CA THR A 207 2.04 -27.61 -22.23
C THR A 207 0.78 -28.40 -21.81
N PRO A 208 0.22 -29.17 -22.77
CA PRO A 208 -1.14 -29.68 -22.55
C PRO A 208 -1.28 -30.88 -21.62
N GLU A 209 -0.17 -31.39 -21.08
CA GLU A 209 -0.30 -32.53 -20.18
C GLU A 209 -0.97 -32.11 -18.86
N VAL A 210 -0.91 -30.80 -18.59
CA VAL A 210 -1.73 -30.16 -17.53
C VAL A 210 -2.82 -29.29 -18.14
N ALA A 211 -4.07 -29.58 -17.79
CA ALA A 211 -5.22 -28.95 -18.42
C ALA A 211 -5.28 -27.49 -18.14
N VAL A 212 -5.69 -26.73 -19.16
CA VAL A 212 -5.86 -25.28 -18.96
C VAL A 212 -6.71 -24.93 -17.74
N SER A 213 -7.73 -25.74 -17.44
CA SER A 213 -8.58 -25.57 -16.26
C SER A 213 -7.82 -25.50 -14.92
N VAL A 214 -6.67 -26.18 -14.87
CA VAL A 214 -5.84 -26.26 -13.68
C VAL A 214 -5.14 -24.96 -13.55
N HIS A 215 -4.67 -24.39 -14.67
CA HIS A 215 -4.15 -23.03 -14.65
C HIS A 215 -5.21 -22.07 -14.23
N ARG A 216 -6.46 -22.23 -14.72
CA ARG A 216 -7.54 -21.28 -14.32
C ARG A 216 -7.83 -21.39 -12.81
N ASP A 217 -7.87 -22.61 -12.28
CA ASP A 217 -8.11 -22.79 -10.85
C ASP A 217 -6.98 -22.14 -10.03
N ASN A 218 -5.74 -22.26 -10.49
CA ASN A 218 -4.65 -21.61 -9.79
C ASN A 218 -4.60 -20.09 -9.91
N LEU A 219 -5.02 -19.55 -11.05
CA LEU A 219 -5.29 -18.15 -11.16
C LEU A 219 -6.30 -17.75 -10.14
N ASP A 220 -7.40 -18.52 -9.95
CA ASP A 220 -8.40 -18.12 -8.98
C ASP A 220 -7.74 -18.09 -7.58
N ALA A 221 -6.92 -19.12 -7.26
CA ALA A 221 -6.23 -19.16 -5.96
C ALA A 221 -5.36 -17.90 -5.78
N LEU A 222 -4.57 -17.57 -6.78
CA LEU A 222 -3.71 -16.39 -6.66
C LEU A 222 -4.57 -15.11 -6.46
N ALA A 223 -5.69 -15.02 -7.20
CA ALA A 223 -6.59 -13.88 -7.15
C ALA A 223 -7.26 -13.73 -5.80
N ALA A 224 -7.37 -14.83 -5.05
CA ALA A 224 -8.00 -14.82 -3.72
C ALA A 224 -7.28 -13.93 -2.71
N THR A 225 -5.99 -13.62 -2.97
CA THR A 225 -5.26 -12.63 -2.19
C THR A 225 -5.79 -11.19 -2.32
N GLY A 226 -6.64 -10.96 -3.35
CA GLY A 226 -7.15 -9.56 -3.62
C GLY A 226 -6.15 -8.73 -4.45
N LEU A 227 -4.97 -9.32 -4.71
CA LEU A 227 -3.94 -8.62 -5.48
C LEU A 227 -4.18 -8.78 -7.00
N PRO A 228 -3.86 -7.75 -7.81
CA PRO A 228 -3.92 -7.95 -9.26
C PRO A 228 -2.84 -8.95 -9.72
N ILE A 229 -3.24 -9.72 -10.77
CA ILE A 229 -2.34 -10.68 -11.41
C ILE A 229 -1.84 -10.13 -12.75
N TYR A 230 -0.54 -10.33 -13.04
CA TYR A 230 0.02 -10.04 -14.35
C TYR A 230 0.70 -11.27 -14.92
N ILE A 231 0.43 -11.50 -16.21
CA ILE A 231 1.15 -12.60 -16.94
C ILE A 231 2.32 -11.85 -17.60
N THR A 232 3.54 -12.25 -17.25
CA THR A 232 4.68 -11.35 -17.45
C THR A 232 5.58 -11.68 -18.64
N GLU A 233 5.64 -12.96 -19.02
CA GLU A 233 6.65 -13.39 -20.04
C GLU A 233 6.09 -14.50 -20.92
N PHE A 234 4.92 -14.19 -21.51
CA PHE A 234 4.18 -15.25 -22.21
C PHE A 234 4.81 -15.63 -23.58
N ASP A 235 4.95 -16.93 -23.86
CA ASP A 235 5.35 -17.35 -25.23
C ASP A 235 4.74 -18.71 -25.48
N LEU A 236 4.49 -18.97 -26.77
CA LEU A 236 4.08 -20.32 -27.20
C LEU A 236 4.93 -20.70 -28.41
N ASP A 237 5.52 -21.89 -28.33
CA ASP A 237 6.41 -22.39 -29.39
C ASP A 237 5.68 -22.61 -30.71
N GLY A 238 6.47 -22.58 -31.77
CA GLY A 238 5.87 -22.66 -33.11
C GLY A 238 6.67 -23.56 -34.08
N PRO A 239 6.96 -24.83 -33.69
CA PRO A 239 7.64 -25.70 -34.67
C PRO A 239 6.90 -25.83 -36.01
N THR A 240 5.55 -25.80 -35.94
CA THR A 240 4.75 -25.52 -37.13
C THR A 240 3.83 -24.35 -36.77
N ASP A 241 3.42 -23.63 -37.84
CA ASP A 241 2.44 -22.57 -37.68
C ASP A 241 1.18 -23.06 -37.04
N ALA A 242 0.77 -24.29 -37.42
CA ALA A 242 -0.50 -24.81 -36.92
C ALA A 242 -0.46 -25.20 -35.42
N GLN A 243 0.69 -25.73 -34.95
CA GLN A 243 0.81 -26.04 -33.51
C GLN A 243 0.74 -24.71 -32.69
N GLN A 244 1.46 -23.72 -33.21
CA GLN A 244 1.45 -22.42 -32.51
C GLN A 244 0.03 -21.84 -32.43
N LEU A 245 -0.68 -21.90 -33.58
CA LEU A 245 -2.04 -21.37 -33.62
C LEU A 245 -2.97 -22.11 -32.66
N ALA A 246 -2.89 -23.46 -32.68
CA ALA A 246 -3.76 -24.24 -31.81
C ALA A 246 -3.46 -23.92 -30.35
N ASP A 247 -2.17 -23.82 -30.05
CA ASP A 247 -1.80 -23.45 -28.63
C ASP A 247 -2.31 -22.09 -28.19
N TYR A 248 -2.19 -21.12 -29.11
CA TYR A 248 -2.69 -19.77 -28.79
C TYR A 248 -4.18 -19.87 -28.45
N LYS A 249 -4.94 -20.57 -29.30
CA LYS A 249 -6.42 -20.64 -29.10
C LYS A 249 -6.77 -21.34 -27.78
N ARG A 250 -5.94 -22.30 -27.39
CA ARG A 250 -6.22 -23.09 -26.19
C ARG A 250 -5.79 -22.35 -24.91
N VAL A 251 -4.61 -21.75 -24.98
CA VAL A 251 -3.98 -21.17 -23.76
C VAL A 251 -4.31 -19.69 -23.50
N PHE A 252 -4.11 -18.85 -24.55
CA PHE A 252 -4.19 -17.44 -24.38
C PHE A 252 -5.50 -16.93 -23.75
N PRO A 253 -6.65 -17.35 -24.26
CA PRO A 253 -7.92 -16.84 -23.68
C PRO A 253 -8.06 -17.08 -22.17
N VAL A 254 -7.59 -18.21 -21.66
CA VAL A 254 -7.75 -18.47 -20.22
C VAL A 254 -7.10 -17.31 -19.39
N PHE A 255 -5.91 -16.84 -19.80
CA PHE A 255 -5.29 -15.75 -19.06
C PHE A 255 -5.99 -14.43 -19.42
N TRP A 256 -6.24 -14.22 -20.71
CA TRP A 256 -6.78 -12.93 -21.13
C TRP A 256 -8.16 -12.61 -20.54
N GLU A 257 -8.97 -13.65 -20.38
CA GLU A 257 -10.38 -13.47 -19.90
C GLU A 257 -10.54 -13.59 -18.37
N HIS A 258 -9.45 -13.86 -17.69
CA HIS A 258 -9.49 -13.92 -16.22
C HIS A 258 -9.62 -12.55 -15.58
N PRO A 259 -10.67 -12.39 -14.75
CA PRO A 259 -10.99 -11.06 -14.24
C PRO A 259 -9.91 -10.46 -13.35
N ALA A 260 -9.10 -11.28 -12.73
CA ALA A 260 -7.98 -10.80 -11.93
C ALA A 260 -6.67 -10.51 -12.70
N VAL A 261 -6.63 -10.82 -14.01
CA VAL A 261 -5.43 -10.57 -14.79
C VAL A 261 -5.57 -9.15 -15.36
N HIS A 262 -4.65 -8.28 -14.96
CA HIS A 262 -4.70 -6.89 -15.40
C HIS A 262 -3.76 -6.55 -16.56
N GLY A 263 -3.05 -7.53 -17.12
CA GLY A 263 -2.22 -7.30 -18.27
C GLY A 263 -1.41 -8.55 -18.59
N ILE A 264 -1.08 -8.66 -19.87
CA ILE A 264 -0.21 -9.71 -20.34
C ILE A 264 0.92 -9.09 -21.12
N THR A 265 2.11 -9.65 -20.94
CA THR A 265 3.30 -9.18 -21.67
C THR A 265 3.89 -10.37 -22.34
N LEU A 266 4.01 -10.31 -23.68
CA LEU A 266 4.67 -11.43 -24.38
C LEU A 266 6.20 -11.36 -24.23
N TRP A 267 6.90 -12.49 -24.18
CA TRP A 267 8.35 -12.48 -24.08
C TRP A 267 8.96 -12.47 -25.47
N GLY A 268 8.70 -11.35 -26.15
CA GLY A 268 9.12 -11.12 -27.52
C GLY A 268 8.12 -11.57 -28.60
N PHE A 269 8.32 -11.09 -29.82
CA PHE A 269 7.47 -11.43 -30.97
C PHE A 269 8.19 -11.60 -32.29
N ARG A 270 9.42 -11.07 -32.40
CA ARG A 270 10.21 -11.15 -33.64
C ARG A 270 11.37 -12.15 -33.41
N PRO A 271 11.91 -12.75 -34.49
CA PRO A 271 13.06 -13.62 -34.32
C PRO A 271 14.17 -12.96 -33.48
N GLY A 272 14.84 -13.76 -32.68
CA GLY A 272 15.83 -13.32 -31.75
C GLY A 272 15.31 -13.20 -30.35
N LEU A 273 13.99 -13.34 -30.15
CA LEU A 273 13.43 -13.47 -28.80
C LEU A 273 14.01 -14.74 -28.11
N TRP A 274 13.78 -14.86 -26.81
CA TRP A 274 14.46 -15.90 -25.97
C TRP A 274 14.24 -17.27 -26.54
N ARG A 275 12.98 -17.60 -26.83
CA ARG A 275 12.66 -18.93 -27.41
C ARG A 275 12.72 -18.94 -28.96
N ASP A 276 13.80 -18.39 -29.52
CA ASP A 276 14.00 -18.43 -30.94
C ASP A 276 14.14 -19.84 -31.50
N LYS A 277 14.93 -20.68 -30.82
CA LYS A 277 15.16 -22.05 -31.34
C LYS A 277 13.82 -22.77 -31.51
N GLU A 278 12.90 -22.50 -30.60
CA GLU A 278 11.58 -23.13 -30.54
C GLU A 278 10.56 -22.41 -31.41
N ALA A 279 11.04 -21.41 -32.13
CA ALA A 279 10.26 -20.62 -33.09
C ALA A 279 9.01 -20.05 -32.39
N ALA A 280 9.20 -19.44 -31.23
CA ALA A 280 8.07 -18.82 -30.52
C ALA A 280 7.67 -17.49 -31.15
N TYR A 281 8.50 -16.93 -32.04
CA TYR A 281 8.12 -15.69 -32.67
C TYR A 281 6.83 -15.69 -33.43
N LEU A 282 6.17 -14.53 -33.45
CA LEU A 282 4.88 -14.41 -34.14
C LEU A 282 4.99 -13.75 -35.55
N ILE A 283 6.19 -13.28 -35.85
CA ILE A 283 6.55 -12.67 -37.16
C ILE A 283 7.83 -13.35 -37.66
N ARG A 284 7.78 -13.79 -38.90
CA ARG A 284 8.90 -14.54 -39.51
C ARG A 284 10.06 -13.65 -39.87
N ALA A 285 11.19 -14.25 -40.22
CA ALA A 285 12.36 -13.44 -40.63
C ALA A 285 12.04 -12.46 -41.79
N ASP A 286 11.11 -12.83 -42.66
CA ASP A 286 10.81 -12.07 -43.86
C ASP A 286 9.74 -11.01 -43.53
N GLY A 287 9.38 -10.88 -42.26
CA GLY A 287 8.52 -9.78 -41.85
C GLY A 287 7.06 -10.16 -41.86
N THR A 288 6.75 -11.33 -42.38
CA THR A 288 5.34 -11.76 -42.47
C THR A 288 4.76 -12.25 -41.12
N GLU A 289 3.47 -12.00 -40.90
CA GLU A 289 2.76 -12.47 -39.68
C GLU A 289 2.36 -13.90 -39.79
N ARG A 290 2.55 -14.65 -38.70
CA ARG A 290 2.18 -16.04 -38.67
C ARG A 290 0.71 -16.16 -38.28
N PRO A 291 0.12 -17.33 -38.58
CA PRO A 291 -1.32 -17.47 -38.30
C PRO A 291 -1.75 -17.24 -36.86
N ALA A 292 -0.86 -17.53 -35.88
CA ALA A 292 -1.19 -17.25 -34.48
C ALA A 292 -1.36 -15.72 -34.25
N LEU A 293 -0.59 -14.92 -34.97
CA LEU A 293 -0.68 -13.48 -34.79
C LEU A 293 -1.93 -12.93 -35.43
N THR A 294 -2.24 -13.43 -36.62
CA THR A 294 -3.53 -13.09 -37.25
C THR A 294 -4.70 -13.35 -36.30
N TRP A 295 -4.70 -14.54 -35.69
CA TRP A 295 -5.74 -14.93 -34.80
C TRP A 295 -5.76 -14.01 -33.56
N LEU A 296 -4.55 -13.72 -33.04
CA LEU A 296 -4.42 -13.01 -31.76
C LEU A 296 -5.02 -11.59 -31.94
N ARG A 297 -4.76 -10.94 -33.09
CA ARG A 297 -5.29 -9.58 -33.30
C ARG A 297 -6.83 -9.59 -33.25
N ASP A 298 -7.41 -10.55 -33.95
CA ASP A 298 -8.86 -10.65 -33.98
C ASP A 298 -9.47 -11.01 -32.64
N TYR A 299 -8.83 -11.93 -31.93
CA TYR A 299 -9.31 -12.41 -30.65
C TYR A 299 -9.26 -11.24 -29.63
N VAL A 300 -8.14 -10.51 -29.58
CA VAL A 300 -8.06 -9.39 -28.64
C VAL A 300 -9.08 -8.30 -28.99
N ALA A 301 -9.29 -8.03 -30.29
CA ALA A 301 -10.28 -7.01 -30.67
C ALA A 301 -11.70 -7.40 -30.21
N ALA A 302 -11.97 -8.70 -30.24
CA ALA A 302 -13.27 -9.24 -29.83
C ALA A 302 -13.44 -9.42 -28.31
N HIS A 303 -12.37 -9.17 -27.55
CA HIS A 303 -12.38 -9.40 -26.09
C HIS A 303 -11.81 -8.23 -25.29
N PRO A 304 -12.53 -7.07 -25.33
CA PRO A 304 -12.06 -5.89 -24.65
C PRO A 304 -12.25 -5.91 -23.13
N GLY A 305 -13.11 -6.78 -22.59
CA GLY A 305 -13.31 -6.89 -21.11
C GLY A 305 -13.83 -5.66 -20.40
N ALA B 1 15.82 -2.87 17.85
CA ALA B 1 15.23 -1.52 17.61
C ALA B 1 13.73 -1.48 18.04
N ALA B 2 13.49 -1.06 19.28
CA ALA B 2 12.17 -1.19 19.93
C ALA B 2 11.41 0.11 19.85
N PRO B 3 10.06 0.06 19.86
CA PRO B 3 9.33 1.29 19.72
C PRO B 3 9.58 2.25 20.87
N LEU B 4 9.36 3.54 20.60
CA LEU B 4 9.74 4.54 21.56
C LEU B 4 9.08 4.36 22.91
N ALA B 5 7.80 3.95 22.91
CA ALA B 5 7.05 3.81 24.16
C ALA B 5 7.05 2.38 24.69
N ALA B 6 8.04 1.58 24.30
CA ALA B 6 8.09 0.16 24.70
C ALA B 6 7.92 -0.05 26.23
N THR B 7 8.45 0.85 27.04
CA THR B 7 8.45 0.63 28.48
C THR B 7 7.59 1.66 29.21
N ALA B 8 6.77 2.38 28.45
CA ALA B 8 5.95 3.43 29.02
C ALA B 8 4.60 2.92 29.49
N SER B 9 3.91 3.78 30.25
CA SER B 9 2.57 3.49 30.81
C SER B 9 1.41 3.84 29.87
N LYS B 10 1.72 4.31 28.69
CA LYS B 10 0.70 4.73 27.70
C LYS B 10 1.39 4.61 26.33
N PHE B 11 0.59 4.37 25.30
CA PHE B 11 1.15 4.09 23.99
C PHE B 11 1.54 5.37 23.25
N LEU B 12 2.42 5.18 22.26
CA LEU B 12 2.80 6.28 21.36
C LEU B 12 2.73 5.66 19.96
N GLY B 13 1.63 5.97 19.27
CA GLY B 13 1.20 5.30 18.02
C GLY B 13 1.39 6.28 16.85
N CYS B 14 0.97 5.87 15.67
CA CYS B 14 1.06 6.68 14.48
C CYS B 14 -0.03 6.25 13.49
N ALA B 15 -0.41 7.20 12.62
CA ALA B 15 -1.25 6.88 11.44
C ALA B 15 -0.45 5.92 10.55
N TYR B 16 -1.13 4.93 10.00
CA TYR B 16 -0.50 3.87 9.19
C TYR B 16 -1.05 3.93 7.75
N GLY B 17 -0.19 3.68 6.80
CA GLY B 17 -0.51 3.76 5.38
C GLY B 17 0.79 3.49 4.62
N ALA B 18 0.68 3.37 3.28
CA ALA B 18 1.85 2.89 2.54
C ALA B 18 3.13 3.72 2.73
N GLN B 19 3.00 5.06 2.78
CA GLN B 19 4.18 5.95 2.98
C GLN B 19 4.68 5.97 4.40
N GLN B 20 3.85 5.50 5.35
CA GLN B 20 4.27 5.47 6.76
C GLN B 20 4.76 4.08 7.12
N ALA B 21 4.61 3.13 6.20
CA ALA B 21 4.96 1.72 6.57
C ALA B 21 6.43 1.42 6.95
N PRO B 22 7.41 1.99 6.20
CA PRO B 22 8.78 1.52 6.38
C PRO B 22 9.21 1.77 7.84
N GLY B 23 9.71 0.72 8.49
CA GLY B 23 10.17 0.72 9.84
C GLY B 23 9.14 1.01 10.90
N PHE B 24 7.86 0.99 10.55
CA PHE B 24 6.83 1.55 11.47
C PHE B 24 6.97 0.91 12.89
N ALA B 25 7.01 -0.45 12.92
CA ALA B 25 7.06 -1.18 14.24
C ALA B 25 8.32 -0.92 15.06
N GLN B 26 9.33 -0.31 14.44
CA GLN B 26 10.56 0.07 15.17
C GLN B 26 10.41 1.38 15.94
N TYR B 27 9.32 2.09 15.66
CA TYR B 27 9.04 3.38 16.30
C TYR B 27 7.77 3.41 17.15
N TRP B 28 6.69 2.88 16.56
CA TRP B 28 5.33 3.10 17.14
C TRP B 28 4.74 1.82 17.69
N ASN B 29 3.85 1.90 18.66
CA ASN B 29 3.28 0.67 19.24
C ASN B 29 1.73 0.70 19.34
N LYS B 30 1.12 1.42 18.39
CA LYS B 30 -0.36 1.52 18.28
C LYS B 30 -0.57 2.14 16.90
N LEU B 31 -1.70 1.82 16.26
CA LEU B 31 -1.95 2.45 14.99
C LEU B 31 -3.38 2.90 14.79
N THR B 32 -3.51 3.87 13.87
CA THR B 32 -4.79 4.23 13.28
C THR B 32 -4.63 4.17 11.73
N PRO B 33 -5.58 3.57 11.00
CA PRO B 33 -5.49 3.67 9.54
C PRO B 33 -5.75 5.05 9.05
N GLU B 34 -4.82 5.54 8.22
CA GLU B 34 -4.93 6.96 7.82
C GLU B 34 -6.17 7.26 6.95
N ASN B 35 -6.55 6.30 6.09
CA ASN B 35 -7.61 6.56 5.11
C ASN B 35 -8.56 5.36 4.88
N GLY B 36 -8.07 4.12 5.05
CA GLY B 36 -8.76 2.93 4.59
C GLY B 36 -10.03 2.58 5.33
N GLY B 37 -10.19 3.14 6.53
CA GLY B 37 -11.37 2.96 7.34
C GLY B 37 -12.42 4.05 7.25
N LYS B 38 -12.18 5.03 6.37
CA LYS B 38 -13.22 6.03 6.11
C LYS B 38 -14.29 5.30 5.21
N TRP B 39 -15.55 5.65 5.45
CA TRP B 39 -16.60 4.99 4.72
C TRP B 39 -16.48 5.07 3.22
N GLY B 40 -16.12 6.21 2.68
CA GLY B 40 -15.99 6.36 1.22
C GLY B 40 -14.79 5.59 0.66
N SER B 41 -13.81 5.26 1.51
CA SER B 41 -12.72 4.33 1.11
C SER B 41 -13.20 2.90 0.90
N VAL B 42 -14.09 2.44 1.82
CA VAL B 42 -14.60 1.03 1.81
C VAL B 42 -15.75 0.84 0.83
N GLU B 43 -16.69 1.76 0.78
CA GLU B 43 -17.91 1.59 0.02
C GLU B 43 -18.08 2.77 -0.98
N ALA B 44 -17.04 2.98 -1.80
CA ALA B 44 -17.14 3.95 -2.89
C ALA B 44 -18.33 3.66 -3.83
N VAL B 45 -18.60 2.38 -4.05
CA VAL B 45 -19.71 1.94 -4.90
C VAL B 45 -20.66 1.21 -3.98
N ARG B 46 -21.94 1.63 -4.00
CA ARG B 46 -22.89 1.09 -3.07
C ARG B 46 -22.96 -0.46 -3.16
N ASP B 47 -22.87 -1.08 -1.98
CA ASP B 47 -23.03 -2.49 -1.75
C ASP B 47 -21.92 -3.33 -2.31
N GLN B 48 -20.77 -2.74 -2.57
CA GLN B 48 -19.60 -3.56 -2.70
C GLN B 48 -18.56 -2.94 -1.80
N MET B 49 -17.98 -3.78 -0.96
CA MET B 49 -17.08 -3.32 0.09
C MET B 49 -15.65 -3.63 -0.35
N ASP B 50 -14.80 -2.60 -0.41
CA ASP B 50 -13.36 -2.78 -0.68
C ASP B 50 -12.61 -2.61 0.64
N TRP B 51 -12.39 -3.74 1.31
CA TRP B 51 -11.73 -3.82 2.60
C TRP B 51 -10.20 -3.85 2.54
N SER B 52 -9.65 -3.71 1.34
CA SER B 52 -8.21 -4.02 1.16
C SER B 52 -7.30 -3.19 2.02
N THR B 53 -7.49 -1.84 2.02
CA THR B 53 -6.57 -0.95 2.76
C THR B 53 -6.81 -1.10 4.27
N LEU B 54 -8.08 -1.22 4.67
CA LEU B 54 -8.40 -1.37 6.09
C LEU B 54 -7.85 -2.74 6.63
N ASP B 55 -8.02 -3.77 5.80
CA ASP B 55 -7.50 -5.12 6.15
C ASP B 55 -5.97 -5.02 6.30
N ALA B 56 -5.30 -4.26 5.40
CA ALA B 56 -3.85 -4.08 5.50
C ALA B 56 -3.46 -3.51 6.86
N ALA B 57 -4.20 -2.49 7.34
CA ALA B 57 -3.83 -1.85 8.64
C ALA B 57 -4.14 -2.82 9.82
N TYR B 58 -5.32 -3.47 9.75
CA TYR B 58 -5.73 -4.31 10.87
C TYR B 58 -4.81 -5.59 11.00
N ARG B 59 -4.47 -6.23 9.85
CA ARG B 59 -3.55 -7.39 9.78
C ARG B 59 -2.16 -7.04 10.31
N PHE B 60 -1.72 -5.79 9.98
CA PHE B 60 -0.42 -5.31 10.44
C PHE B 60 -0.41 -5.04 11.95
N ALA B 61 -1.46 -4.36 12.40
CA ALA B 61 -1.58 -4.12 13.84
C ALA B 61 -1.57 -5.43 14.63
N GLN B 62 -2.39 -6.40 14.18
CA GLN B 62 -2.48 -7.71 14.82
C GLN B 62 -1.15 -8.47 14.80
N ALA B 63 -0.41 -8.34 13.71
CA ALA B 63 0.89 -9.06 13.54
C ALA B 63 1.91 -8.54 14.51
N ASN B 64 1.72 -7.29 14.92
CA ASN B 64 2.69 -6.58 15.74
C ASN B 64 2.15 -6.32 17.10
N GLN B 65 0.99 -6.94 17.36
CA GLN B 65 0.34 -6.91 18.67
C GLN B 65 0.20 -5.46 19.17
N MET B 66 -0.22 -4.59 18.27
CA MET B 66 -0.46 -3.18 18.65
C MET B 66 -1.94 -2.86 18.62
N PRO B 67 -2.37 -2.04 19.57
CA PRO B 67 -3.78 -1.71 19.56
C PRO B 67 -4.17 -1.00 18.25
N PHE B 68 -5.41 -1.24 17.83
CA PHE B 68 -5.93 -0.77 16.57
C PHE B 68 -7.03 0.23 16.92
N GLN B 69 -6.95 1.47 16.42
CA GLN B 69 -8.07 2.42 16.53
C GLN B 69 -8.76 2.48 15.18
N MET B 70 -10.05 2.14 15.19
CA MET B 70 -10.82 2.18 13.95
C MET B 70 -11.16 3.67 13.69
N HIS B 71 -10.82 4.14 12.48
CA HIS B 71 -10.97 5.58 12.09
C HIS B 71 -11.59 5.42 10.72
N VAL B 72 -12.88 5.74 10.56
CA VAL B 72 -13.80 6.42 11.48
C VAL B 72 -15.23 6.16 11.00
N MET B 73 -16.19 6.05 11.92
CA MET B 73 -17.49 5.59 11.45
C MET B 73 -18.29 6.69 10.75
N VAL B 74 -18.39 7.83 11.42
CA VAL B 74 -19.12 8.98 10.94
C VAL B 74 -18.19 10.19 10.91
N TRP B 75 -18.15 10.84 9.72
CA TRP B 75 -17.39 12.09 9.57
C TRP B 75 -18.00 12.80 8.33
N GLY B 76 -17.61 14.04 8.09
CA GLY B 76 -18.18 14.86 6.99
C GLY B 76 -17.34 15.00 5.76
N ASN B 77 -16.24 14.24 5.74
CA ASN B 77 -15.44 14.09 4.54
C ASN B 77 -15.17 12.64 4.17
N GLN B 78 -14.84 12.36 2.90
CA GLN B 78 -14.46 10.98 2.52
C GLN B 78 -15.57 9.97 2.81
N GLN B 79 -16.83 10.44 2.70
CA GLN B 79 -18.00 9.57 2.78
C GLN B 79 -18.36 9.09 1.40
N PRO B 80 -19.21 8.01 1.30
CA PRO B 80 -19.57 7.64 -0.07
C PRO B 80 -20.37 8.69 -0.82
N GLU B 81 -20.22 8.75 -2.15
CA GLU B 81 -20.95 9.76 -2.93
C GLU B 81 -22.42 9.40 -3.13
N TRP B 82 -22.71 8.08 -3.30
CA TRP B 82 -24.05 7.63 -3.69
C TRP B 82 -25.11 7.82 -2.57
N ILE B 83 -24.63 8.02 -1.33
CA ILE B 83 -25.56 8.19 -0.22
C ILE B 83 -26.26 9.54 -0.17
N LYS B 84 -25.62 10.54 -0.79
CA LYS B 84 -26.08 11.93 -0.68
C LYS B 84 -27.52 12.14 -1.08
N THR B 85 -27.97 11.43 -2.15
CA THR B 85 -29.30 11.66 -2.71
C THR B 85 -30.37 10.68 -2.26
N LEU B 86 -29.99 9.73 -1.37
CA LEU B 86 -30.98 8.79 -0.86
C LEU B 86 -31.86 9.45 0.19
N ARG B 87 -33.10 8.99 0.31
CA ARG B 87 -33.99 9.44 1.37
C ARG B 87 -33.42 9.05 2.74
N PRO B 88 -33.66 9.88 3.76
CA PRO B 88 -33.06 9.61 5.05
C PRO B 88 -33.28 8.20 5.57
N ALA B 89 -34.46 7.62 5.35
CA ALA B 89 -34.66 6.25 5.85
C ALA B 89 -33.67 5.26 5.19
N GLU B 90 -33.46 5.44 3.88
CA GLU B 90 -32.53 4.58 3.21
C GLU B 90 -31.09 4.84 3.60
N GLN B 91 -30.77 6.11 3.79
CA GLN B 91 -29.40 6.48 4.25
C GLN B 91 -29.15 5.79 5.60
N ARG B 92 -30.19 5.79 6.47
CA ARG B 92 -30.03 5.25 7.82
C ARG B 92 -29.74 3.74 7.79
N ARG B 93 -30.44 3.00 6.90
CA ARG B 93 -30.19 1.57 6.79
C ARG B 93 -28.76 1.28 6.25
N GLU B 94 -28.27 2.19 5.39
CA GLU B 94 -26.88 2.04 4.89
C GLU B 94 -25.89 2.29 6.06
N ILE B 95 -26.17 3.29 6.88
CA ILE B 95 -25.27 3.60 8.04
C ILE B 95 -25.25 2.37 8.98
N GLU B 96 -26.45 1.83 9.27
CA GLU B 96 -26.54 0.64 10.09
C GLU B 96 -25.74 -0.50 9.54
N GLN B 97 -25.90 -0.78 8.22
CA GLN B 97 -25.20 -1.85 7.62
C GLN B 97 -23.67 -1.69 7.68
N TRP B 98 -23.21 -0.48 7.44
CA TRP B 98 -21.78 -0.10 7.59
C TRP B 98 -21.23 -0.40 9.02
N PHE B 99 -22.02 -0.03 10.03
CA PHE B 99 -21.63 -0.33 11.41
C PHE B 99 -21.58 -1.83 11.67
N ALA B 100 -22.59 -2.58 11.18
CA ALA B 100 -22.64 -4.02 11.43
C ALA B 100 -21.48 -4.68 10.68
N ALA B 101 -21.23 -4.23 9.43
CA ALA B 101 -20.13 -4.83 8.60
C ALA B 101 -18.75 -4.71 9.27
N VAL B 102 -18.46 -3.52 9.81
CA VAL B 102 -17.17 -3.28 10.50
C VAL B 102 -17.06 -4.12 11.77
N ALA B 103 -18.14 -4.15 12.56
CA ALA B 103 -18.19 -4.93 13.80
C ALA B 103 -17.93 -6.40 13.52
N GLN B 104 -18.52 -6.93 12.42
CA GLN B 104 -18.37 -8.31 12.12
C GLN B 104 -16.94 -8.63 11.67
N ARG B 105 -16.35 -7.72 10.91
CA ARG B 105 -15.08 -8.00 10.22
C ARG B 105 -13.90 -7.83 11.18
N TYR B 106 -14.05 -6.96 12.17
CA TYR B 106 -12.92 -6.55 12.95
C TYR B 106 -13.21 -6.70 14.40
N PRO B 107 -13.21 -7.93 14.89
CA PRO B 107 -13.59 -8.13 16.32
C PRO B 107 -12.67 -7.50 17.34
N ASP B 108 -11.42 -7.28 17.00
CA ASP B 108 -10.49 -6.79 18.04
C ASP B 108 -10.08 -5.36 17.83
N ILE B 109 -11.07 -4.53 17.61
CA ILE B 109 -10.83 -3.08 17.66
C ILE B 109 -10.58 -2.59 19.11
N ALA B 110 -9.45 -1.96 19.37
CA ALA B 110 -9.16 -1.43 20.73
C ALA B 110 -9.98 -0.14 21.09
N LEU B 111 -10.14 0.72 20.09
CA LEU B 111 -10.89 1.98 20.27
C LEU B 111 -11.61 2.22 18.98
N LEU B 112 -12.93 2.46 19.10
CA LEU B 112 -13.77 2.71 17.93
C LEU B 112 -14.02 4.23 17.86
N GLU B 113 -13.45 4.93 16.87
CA GLU B 113 -13.76 6.37 16.73
C GLU B 113 -15.12 6.44 15.99
N VAL B 114 -16.18 6.74 16.75
CA VAL B 114 -17.55 6.69 16.22
C VAL B 114 -17.87 7.93 15.39
N VAL B 115 -17.64 9.11 16.00
CA VAL B 115 -17.79 10.44 15.32
C VAL B 115 -16.48 11.18 15.45
N ASN B 116 -15.99 11.73 14.34
CA ASN B 116 -14.92 12.68 14.34
C ASN B 116 -15.47 14.06 13.93
N GLU B 117 -14.98 15.08 14.62
CA GLU B 117 -15.20 16.48 14.30
C GLU B 117 -16.68 16.97 14.35
N PRO B 118 -17.42 16.62 15.42
CA PRO B 118 -18.81 17.16 15.48
C PRO B 118 -18.91 18.68 15.50
N LEU B 119 -17.92 19.38 16.12
CA LEU B 119 -17.95 20.84 16.21
C LEU B 119 -17.48 21.54 14.90
N ASN B 120 -16.74 20.86 14.06
CA ASN B 120 -16.12 21.38 12.89
C ASN B 120 -16.61 20.86 11.51
N ASP B 121 -16.93 19.55 11.38
CA ASP B 121 -17.14 18.89 10.06
C ASP B 121 -18.23 17.81 10.22
N PRO B 122 -19.47 18.21 10.56
CA PRO B 122 -20.57 17.25 10.62
C PRO B 122 -20.86 16.78 9.19
N PRO B 123 -21.55 15.62 9.05
CA PRO B 123 -21.87 15.06 7.74
C PRO B 123 -23.10 15.70 7.13
N SER B 124 -23.07 17.03 6.95
CA SER B 124 -24.25 17.76 6.53
C SER B 124 -24.09 18.42 5.17
N LYS B 125 -22.95 18.17 4.49
CA LYS B 125 -22.69 18.78 3.19
C LYS B 125 -22.89 17.79 2.06
N ALA B 126 -23.17 18.33 0.88
CA ALA B 126 -23.40 17.52 -0.29
C ALA B 126 -22.33 17.71 -1.33
N ASP B 127 -21.16 18.22 -0.91
CA ASP B 127 -20.03 18.26 -1.77
C ASP B 127 -19.30 16.92 -1.85
N THR B 128 -18.10 16.91 -2.47
CA THR B 128 -17.38 15.67 -2.71
C THR B 128 -17.04 15.02 -1.38
N GLY B 129 -17.62 13.88 -1.15
CA GLY B 129 -17.36 13.10 0.05
C GLY B 129 -18.06 13.53 1.30
N GLY B 130 -19.00 14.46 1.16
CA GLY B 130 -19.65 15.06 2.27
C GLY B 130 -20.70 14.26 2.97
N GLY B 131 -21.22 13.24 2.30
CA GLY B 131 -22.23 12.34 2.87
C GLY B 131 -23.67 12.81 2.91
N ASN B 132 -23.91 13.97 3.44
CA ASN B 132 -25.24 14.60 3.42
C ASN B 132 -26.23 13.71 4.07
N TYR B 133 -25.90 13.18 5.26
CA TYR B 133 -26.78 12.10 5.89
C TYR B 133 -27.12 12.52 7.34
N LEU B 134 -26.90 13.81 7.69
CA LEU B 134 -27.20 14.29 9.05
C LEU B 134 -28.63 13.97 9.43
N GLN B 135 -29.58 14.13 8.47
CA GLN B 135 -30.99 13.86 8.84
C GLN B 135 -31.30 12.38 9.08
N ALA B 136 -30.50 11.50 8.47
CA ALA B 136 -30.70 10.06 8.70
C ALA B 136 -30.44 9.66 10.15
N LEU B 137 -29.67 10.44 10.87
CA LEU B 137 -29.31 10.29 12.28
C LEU B 137 -30.05 11.28 13.17
N GLY B 138 -31.12 11.88 12.62
CA GLY B 138 -32.00 12.74 13.43
C GLY B 138 -31.69 14.19 13.46
N GLY B 139 -30.66 14.57 12.70
CA GLY B 139 -30.30 15.98 12.58
C GLY B 139 -29.85 16.52 13.93
N ASN B 140 -30.06 17.84 14.16
CA ASN B 140 -29.71 18.39 15.47
C ASN B 140 -30.63 17.92 16.59
N GLY B 141 -31.91 17.79 16.23
CA GLY B 141 -32.92 17.37 17.18
C GLY B 141 -33.09 18.20 18.42
N ASP B 142 -33.58 17.60 19.51
CA ASP B 142 -33.97 18.36 20.71
C ASP B 142 -32.77 18.96 21.40
N SER B 143 -31.70 18.16 21.47
CA SER B 143 -30.52 18.51 22.28
C SER B 143 -29.52 19.35 21.53
N GLY B 144 -29.72 19.48 20.20
CA GLY B 144 -28.70 20.05 19.32
C GLY B 144 -27.67 19.09 18.75
N TRP B 145 -27.63 17.87 19.28
CA TRP B 145 -26.59 16.87 18.94
C TRP B 145 -27.22 15.52 18.77
N GLU B 146 -28.49 15.50 18.35
CA GLU B 146 -29.19 14.20 18.18
C GLU B 146 -28.36 13.27 17.30
N TRP B 147 -27.80 13.76 16.20
CA TRP B 147 -27.08 12.86 15.27
C TRP B 147 -25.87 12.19 15.90
N VAL B 148 -25.27 12.84 16.89
CA VAL B 148 -24.13 12.26 17.58
C VAL B 148 -24.64 11.23 18.55
N LEU B 149 -25.71 11.55 19.29
CA LEU B 149 -26.33 10.47 20.13
C LEU B 149 -26.67 9.23 19.30
N GLN B 150 -27.30 9.46 18.16
CA GLN B 150 -27.78 8.30 17.39
C GLN B 150 -26.57 7.53 16.84
N SER B 151 -25.47 8.19 16.50
CA SER B 151 -24.29 7.43 16.04
C SER B 151 -23.73 6.57 17.14
N PHE B 152 -23.61 7.13 18.36
CA PHE B 152 -23.11 6.32 19.47
C PHE B 152 -24.08 5.22 19.90
N ARG B 153 -25.40 5.50 19.86
CA ARG B 153 -26.37 4.41 20.06
C ARG B 153 -26.11 3.24 19.12
N LEU B 154 -25.95 3.50 17.82
CA LEU B 154 -25.65 2.42 16.85
C LEU B 154 -24.35 1.70 17.20
N ALA B 155 -23.35 2.44 17.64
CA ALA B 155 -22.04 1.87 17.96
C ALA B 155 -22.22 0.95 19.20
N ARG B 156 -22.94 1.38 20.22
CA ARG B 156 -23.22 0.49 21.40
C ARG B 156 -23.89 -0.80 21.01
N ARG B 157 -24.92 -0.68 20.17
CA ARG B 157 -25.75 -1.85 19.71
C ARG B 157 -24.83 -2.82 18.96
N HIS B 158 -24.06 -2.33 18.00
CA HIS B 158 -23.31 -3.23 17.07
C HIS B 158 -21.94 -3.63 17.57
N PHE B 159 -21.36 -2.85 18.50
CA PHE B 159 -20.08 -3.19 19.12
C PHE B 159 -20.20 -3.27 20.66
N PRO B 160 -20.85 -4.29 21.19
CA PRO B 160 -21.20 -4.27 22.63
C PRO B 160 -20.08 -4.42 23.60
N HIS B 161 -18.87 -4.71 23.10
CA HIS B 161 -17.71 -4.89 23.98
C HIS B 161 -16.55 -3.96 23.64
N THR B 162 -16.81 -2.94 22.83
CA THR B 162 -15.73 -2.09 22.32
C THR B 162 -15.79 -0.67 22.94
N LYS B 163 -14.60 -0.15 23.33
CA LYS B 163 -14.51 1.20 23.84
C LYS B 163 -14.81 2.23 22.72
N LEU B 164 -15.78 3.12 23.01
CA LEU B 164 -16.23 4.16 22.04
C LEU B 164 -15.65 5.52 22.30
N MET B 165 -15.14 6.14 21.21
CA MET B 165 -14.48 7.43 21.33
CA MET B 165 -14.47 7.43 21.32
C MET B 165 -15.11 8.47 20.42
N ILE B 166 -15.19 9.68 20.95
CA ILE B 166 -15.43 10.92 20.16
C ILE B 166 -14.11 11.60 19.90
N ASN B 167 -14.01 12.32 18.77
CA ASN B 167 -12.71 12.95 18.42
C ASN B 167 -13.05 14.29 17.79
N ASP B 168 -12.14 15.25 17.91
CA ASP B 168 -12.32 16.58 17.30
C ASP B 168 -11.01 17.36 17.36
N TYR B 169 -10.96 18.57 16.77
CA TYR B 169 -9.78 19.41 16.80
C TYR B 169 -10.18 20.80 17.31
N SER B 170 -9.15 21.55 17.74
CA SER B 170 -9.26 22.93 18.22
C SER B 170 -10.12 22.97 19.47
N ILE B 171 -9.84 22.04 20.38
CA ILE B 171 -10.58 21.90 21.62
C ILE B 171 -9.81 22.51 22.76
N THR B 172 -8.57 22.01 22.98
CA THR B 172 -7.80 22.48 24.13
C THR B 172 -7.19 23.89 24.00
N SER B 173 -7.18 24.48 22.82
CA SER B 173 -6.78 25.84 22.55
C SER B 173 -7.74 26.85 23.14
N SER B 174 -8.98 26.49 23.48
CA SER B 174 -9.77 27.49 24.24
C SER B 174 -10.80 26.88 25.18
N ALA B 175 -11.00 27.54 26.32
CA ALA B 175 -12.06 27.11 27.23
C ALA B 175 -13.41 27.05 26.58
N GLN B 176 -13.76 28.00 25.70
CA GLN B 176 -15.11 28.03 25.11
C GLN B 176 -15.31 26.75 24.28
N ALA B 177 -14.29 26.34 23.51
CA ALA B 177 -14.40 25.18 22.64
C ALA B 177 -14.48 23.92 23.53
N THR B 178 -13.64 23.86 24.58
CA THR B 178 -13.68 22.73 25.52
C THR B 178 -15.08 22.63 26.16
N GLN B 179 -15.66 23.76 26.60
CA GLN B 179 -17.04 23.76 27.13
C GLN B 179 -18.10 23.28 26.12
N LYS B 180 -17.98 23.65 24.84
CA LYS B 180 -18.87 23.15 23.75
CA LYS B 180 -18.91 23.14 23.81
C LYS B 180 -18.76 21.64 23.60
N TYR B 181 -17.51 21.19 23.53
CA TYR B 181 -17.23 19.79 23.36
C TYR B 181 -17.78 19.03 24.56
N LEU B 182 -17.57 19.51 25.77
CA LEU B 182 -18.08 18.80 26.94
C LEU B 182 -19.61 18.76 27.04
N GLN B 183 -20.32 19.68 26.37
CA GLN B 183 -21.77 19.59 26.28
C GLN B 183 -22.17 18.36 25.51
N ILE B 184 -21.41 18.03 24.41
CA ILE B 184 -21.74 16.85 23.65
C ILE B 184 -21.46 15.62 24.54
N VAL B 185 -20.32 15.62 25.25
CA VAL B 185 -19.95 14.54 26.14
C VAL B 185 -21.03 14.36 27.24
N ARG B 186 -21.58 15.45 27.76
CA ARG B 186 -22.58 15.43 28.81
C ARG B 186 -23.86 14.76 28.28
N LEU B 187 -24.23 15.15 27.07
CA LEU B 187 -25.39 14.51 26.40
C LEU B 187 -25.18 13.00 26.19
N LEU B 188 -24.01 12.63 25.69
CA LEU B 188 -23.66 11.26 25.57
C LEU B 188 -23.74 10.50 26.90
N GLN B 189 -23.28 11.10 27.98
CA GLN B 189 -23.14 10.41 29.24
C GLN B 189 -24.50 10.24 29.94
N ARG B 190 -25.51 11.01 29.53
CA ARG B 190 -26.88 10.79 30.05
C ARG B 190 -27.32 9.32 29.71
N GLU B 191 -26.73 8.72 28.64
CA GLU B 191 -27.07 7.33 28.22
C GLU B 191 -25.81 6.48 28.29
N ASN B 192 -24.74 6.98 28.91
CA ASN B 192 -23.51 6.27 29.06
C ASN B 192 -23.00 5.74 27.73
N LEU B 193 -23.01 6.64 26.72
CA LEU B 193 -22.72 6.29 25.34
C LEU B 193 -21.27 6.40 24.88
N VAL B 194 -20.43 6.98 25.72
CA VAL B 194 -19.04 7.28 25.26
C VAL B 194 -18.02 6.84 26.33
N ASP B 195 -16.90 6.25 25.88
CA ASP B 195 -15.90 5.76 26.83
C ASP B 195 -14.57 6.51 26.87
N ALA B 196 -14.38 7.41 25.90
CA ALA B 196 -13.06 8.00 25.71
C ALA B 196 -13.23 9.33 24.96
N ILE B 197 -12.35 10.28 25.27
CA ILE B 197 -12.39 11.62 24.61
C ILE B 197 -11.07 11.78 23.83
N GLY B 198 -11.21 12.02 22.50
CA GLY B 198 -10.07 12.32 21.66
C GLY B 198 -9.97 13.79 21.28
N VAL B 199 -8.74 14.33 21.26
CA VAL B 199 -8.52 15.64 20.67
C VAL B 199 -7.31 15.45 19.73
N GLN B 200 -7.37 16.05 18.52
CA GLN B 200 -6.38 15.80 17.50
C GLN B 200 -4.99 16.31 17.86
N GLU B 201 -4.93 17.64 18.16
CA GLU B 201 -3.66 18.31 18.43
C GLU B 201 -2.71 18.30 17.24
N HIS B 202 -3.20 18.65 16.03
CA HIS B 202 -2.32 19.03 14.92
C HIS B 202 -1.58 20.33 15.24
N ALA B 203 -0.57 20.64 14.43
CA ALA B 203 0.24 21.82 14.54
C ALA B 203 -0.62 23.10 14.64
N PHE B 204 -1.67 23.19 13.85
CA PHE B 204 -2.48 24.40 13.85
C PHE B 204 -3.24 24.66 15.15
N GLU B 205 -3.32 23.66 15.99
CA GLU B 205 -4.00 23.73 17.28
C GLU B 205 -3.11 24.13 18.44
N THR B 206 -1.77 24.01 18.27
CA THR B 206 -0.83 24.20 19.40
C THR B 206 0.20 25.32 19.20
N THR B 207 -0.09 26.26 18.29
CA THR B 207 0.79 27.35 18.02
C THR B 207 0.89 28.23 19.30
N PRO B 208 2.02 28.94 19.43
CA PRO B 208 2.37 29.50 20.73
C PRO B 208 1.64 30.78 21.11
N GLU B 209 0.77 31.32 20.28
CA GLU B 209 0.04 32.53 20.73
C GLU B 209 -0.93 32.13 21.88
N VAL B 210 -1.27 30.83 21.97
CA VAL B 210 -1.99 30.29 23.15
C VAL B 210 -1.05 29.48 23.98
N ALA B 211 -0.87 29.87 25.25
CA ALA B 211 0.16 29.22 26.08
C ALA B 211 -0.17 27.80 26.33
N VAL B 212 0.87 26.99 26.43
CA VAL B 212 0.66 25.55 26.69
C VAL B 212 -0.14 25.35 27.98
N SER B 213 -0.03 26.29 28.94
CA SER B 213 -0.74 26.17 30.22
C SER B 213 -2.29 26.22 30.04
N VAL B 214 -2.76 26.90 28.98
CA VAL B 214 -4.16 26.91 28.62
C VAL B 214 -4.56 25.51 28.13
N HIS B 215 -3.75 24.89 27.27
CA HIS B 215 -4.06 23.51 26.86
C HIS B 215 -4.09 22.59 28.05
N ARG B 216 -3.18 22.72 29.01
CA ARG B 216 -3.16 21.79 30.18
C ARG B 216 -4.45 22.00 31.04
N ASP B 217 -4.85 23.26 31.24
CA ASP B 217 -6.09 23.60 31.94
C ASP B 217 -7.28 22.96 31.28
N ASN B 218 -7.30 22.96 29.94
CA ASN B 218 -8.43 22.42 29.27
C ASN B 218 -8.36 20.88 29.26
N LEU B 219 -7.16 20.29 29.27
CA LEU B 219 -7.10 18.84 29.49
C LEU B 219 -7.65 18.50 30.83
N ASP B 220 -7.35 19.28 31.86
CA ASP B 220 -7.88 19.04 33.20
C ASP B 220 -9.41 19.06 33.15
N ALA B 221 -9.99 20.02 32.41
CA ALA B 221 -11.40 20.14 32.28
C ALA B 221 -11.98 18.92 31.60
N LEU B 222 -11.39 18.42 30.49
CA LEU B 222 -11.91 17.20 29.85
C LEU B 222 -11.81 16.03 30.82
N ALA B 223 -10.70 15.96 31.56
CA ALA B 223 -10.40 14.86 32.52
C ALA B 223 -11.41 14.80 33.65
N ALA B 224 -12.09 15.92 33.94
CA ALA B 224 -13.08 16.02 35.05
C ALA B 224 -14.31 15.13 34.81
N THR B 225 -14.57 14.81 33.52
CA THR B 225 -15.58 13.81 33.17
C THR B 225 -15.29 12.38 33.73
N GLY B 226 -14.03 12.10 34.14
CA GLY B 226 -13.64 10.74 34.57
C GLY B 226 -13.29 9.83 33.41
N LEU B 227 -13.45 10.36 32.19
CA LEU B 227 -13.16 9.58 31.00
C LEU B 227 -11.65 9.67 30.62
N PRO B 228 -11.05 8.60 30.06
CA PRO B 228 -9.66 8.71 29.59
C PRO B 228 -9.61 9.65 28.38
N ILE B 229 -8.47 10.36 28.28
CA ILE B 229 -8.21 11.30 27.15
C ILE B 229 -7.14 10.70 26.22
N TYR B 230 -7.36 10.86 24.89
CA TYR B 230 -6.38 10.38 23.90
C TYR B 230 -6.07 11.52 22.99
N ILE B 231 -4.79 11.68 22.71
CA ILE B 231 -4.38 12.74 21.72
C ILE B 231 -4.21 11.94 20.43
N THR B 232 -4.97 12.34 19.40
CA THR B 232 -5.25 11.30 18.35
C THR B 232 -4.52 11.54 17.04
N GLU B 233 -4.13 12.81 16.78
CA GLU B 233 -3.60 13.18 15.44
C GLU B 233 -2.49 14.23 15.53
N PHE B 234 -1.48 13.90 16.34
CA PHE B 234 -0.54 14.90 16.77
C PHE B 234 0.50 15.17 15.65
N ASP B 235 0.81 16.44 15.37
CA ASP B 235 1.93 16.83 14.45
C ASP B 235 2.42 18.18 14.82
N LEU B 236 3.70 18.40 14.51
CA LEU B 236 4.34 19.72 14.67
C LEU B 236 5.16 20.00 13.42
N ASP B 237 4.93 21.18 12.83
CA ASP B 237 5.56 21.51 11.57
C ASP B 237 7.08 21.74 11.74
N GLY B 238 7.80 21.70 10.62
CA GLY B 238 9.27 21.75 10.66
C GLY B 238 9.81 22.49 9.47
N PRO B 239 9.42 23.80 9.29
CA PRO B 239 10.10 24.62 8.28
C PRO B 239 11.60 24.62 8.44
N THR B 240 12.03 24.63 9.71
CA THR B 240 13.41 24.30 10.02
C THR B 240 13.44 23.20 11.08
N ASP B 241 14.58 22.54 11.14
CA ASP B 241 14.75 21.47 12.13
C ASP B 241 14.63 22.06 13.51
N ALA B 242 15.16 23.31 13.69
CA ALA B 242 15.22 23.85 15.03
C ALA B 242 13.81 24.23 15.51
N GLN B 243 13.00 24.79 14.59
CA GLN B 243 11.63 25.18 14.97
C GLN B 243 10.89 23.92 15.44
N GLN B 244 11.02 22.85 14.66
CA GLN B 244 10.30 21.61 15.00
C GLN B 244 10.77 21.13 16.41
N LEU B 245 12.10 21.15 16.63
CA LEU B 245 12.63 20.66 17.91
C LEU B 245 12.11 21.46 19.08
N ALA B 246 12.22 22.80 18.95
CA ALA B 246 11.70 23.68 19.97
C ALA B 246 10.22 23.47 20.24
N ASP B 247 9.45 23.32 19.17
CA ASP B 247 7.99 23.04 19.41
C ASP B 247 7.72 21.70 20.12
N TYR B 248 8.48 20.64 19.71
CA TYR B 248 8.30 19.36 20.39
C TYR B 248 8.61 19.51 21.91
N LYS B 249 9.73 20.19 22.21
CA LYS B 249 10.09 20.43 23.65
C LYS B 249 9.03 21.21 24.42
N ARG B 250 8.39 22.17 23.73
CA ARG B 250 7.38 22.98 24.37
C ARG B 250 6.02 22.26 24.54
N VAL B 251 5.63 21.50 23.51
CA VAL B 251 4.23 21.08 23.42
C VAL B 251 4.07 19.62 23.88
N PHE B 252 4.97 18.72 23.39
CA PHE B 252 4.74 17.29 23.56
C PHE B 252 4.66 16.90 25.05
N PRO B 253 5.58 17.40 25.93
CA PRO B 253 5.50 16.97 27.35
C PRO B 253 4.16 17.27 28.03
N VAL B 254 3.48 18.32 27.62
CA VAL B 254 2.24 18.74 28.32
C VAL B 254 1.17 17.64 28.14
N PHE B 255 1.10 17.05 26.93
CA PHE B 255 0.19 15.98 26.65
C PHE B 255 0.72 14.67 27.24
N TRP B 256 2.00 14.34 26.98
CA TRP B 256 2.55 13.08 27.45
C TRP B 256 2.49 12.88 28.95
N GLU B 257 2.69 13.97 29.68
CA GLU B 257 2.80 13.84 31.17
C GLU B 257 1.44 14.03 31.84
N HIS B 258 0.41 14.34 31.07
CA HIS B 258 -0.91 14.57 31.71
C HIS B 258 -1.49 13.23 32.17
N PRO B 259 -1.87 13.13 33.45
CA PRO B 259 -2.29 11.79 33.98
C PRO B 259 -3.53 11.18 33.36
N ALA B 260 -4.42 11.99 32.83
CA ALA B 260 -5.62 11.47 32.16
C ALA B 260 -5.39 11.12 30.69
N VAL B 261 -4.20 11.43 30.14
CA VAL B 261 -3.92 11.03 28.73
C VAL B 261 -3.42 9.59 28.70
N HIS B 262 -4.14 8.69 28.03
CA HIS B 262 -3.77 7.29 28.02
C HIS B 262 -3.05 6.86 26.74
N GLY B 263 -2.78 7.81 25.84
CA GLY B 263 -2.10 7.48 24.60
C GLY B 263 -2.00 8.70 23.73
N ILE B 264 -0.91 8.73 22.97
CA ILE B 264 -0.76 9.70 21.91
C ILE B 264 -0.54 9.00 20.59
N THR B 265 -1.10 9.53 19.50
CA THR B 265 -0.93 9.00 18.14
C THR B 265 -0.47 10.17 17.28
N LEU B 266 0.71 10.05 16.68
CA LEU B 266 1.20 11.01 15.72
C LEU B 266 0.45 10.90 14.40
N TRP B 267 0.16 11.98 13.70
CA TRP B 267 -0.50 11.86 12.40
C TRP B 267 0.53 11.74 11.30
N GLY B 268 1.25 10.61 11.33
CA GLY B 268 2.34 10.36 10.42
C GLY B 268 3.71 10.72 10.95
N PHE B 269 4.76 10.16 10.32
CA PHE B 269 6.13 10.50 10.65
C PHE B 269 7.13 10.59 9.48
N ARG B 270 6.77 10.05 8.33
CA ARG B 270 7.60 10.12 7.14
C ARG B 270 6.98 11.00 6.10
N PRO B 271 7.80 11.49 5.14
CA PRO B 271 7.23 12.28 4.07
C PRO B 271 6.00 11.62 3.45
N GLY B 272 5.04 12.45 3.08
CA GLY B 272 3.81 12.05 2.52
C GLY B 272 2.67 11.96 3.52
N LEU B 273 2.99 12.25 4.79
CA LEU B 273 1.95 12.46 5.79
C LEU B 273 1.14 13.75 5.43
N TRP B 274 0.04 13.97 6.19
CA TRP B 274 -0.92 15.00 5.81
C TRP B 274 -0.28 16.38 5.70
N ARG B 275 0.51 16.69 6.73
CA ARG B 275 1.20 17.99 6.74
C ARG B 275 2.62 17.94 6.11
N ASP B 276 2.72 17.28 4.96
CA ASP B 276 3.99 17.21 4.26
C ASP B 276 4.49 18.62 3.81
N LYS B 277 3.58 19.45 3.26
CA LYS B 277 3.99 20.79 2.78
C LYS B 277 4.68 21.57 3.94
N GLU B 278 4.15 21.40 5.16
CA GLU B 278 4.66 22.04 6.37
C GLU B 278 5.83 21.28 7.02
N ALA B 279 6.35 20.27 6.34
CA ALA B 279 7.48 19.43 6.77
C ALA B 279 7.26 18.93 8.23
N ALA B 280 6.07 18.38 8.52
CA ALA B 280 5.84 17.88 9.87
C ALA B 280 6.51 16.52 10.07
N TYR B 281 7.00 15.88 8.98
CA TYR B 281 7.65 14.58 9.16
C TYR B 281 8.87 14.68 10.07
N LEU B 282 9.13 13.59 10.75
CA LEU B 282 10.24 13.45 11.68
C LEU B 282 11.47 12.72 11.09
N ILE B 283 11.23 12.09 9.94
CA ILE B 283 12.29 11.51 9.13
C ILE B 283 12.29 12.14 7.72
N ARG B 284 13.47 12.38 7.24
CA ARG B 284 13.66 13.08 5.94
C ARG B 284 13.50 12.12 4.76
N ALA B 285 13.41 12.66 3.56
CA ALA B 285 13.35 11.82 2.37
C ALA B 285 14.51 10.78 2.32
N ASP B 286 15.69 11.15 2.83
CA ASP B 286 16.92 10.33 2.70
C ASP B 286 16.93 9.26 3.84
N GLY B 287 15.88 9.22 4.65
CA GLY B 287 15.76 8.21 5.69
C GLY B 287 16.35 8.62 7.03
N THR B 288 16.96 9.80 7.08
CA THR B 288 17.65 10.23 8.33
C THR B 288 16.70 10.92 9.34
N GLU B 289 16.98 10.68 10.63
CA GLU B 289 16.11 11.23 11.70
C GLU B 289 16.39 12.68 11.92
N ARG B 290 15.34 13.49 12.05
CA ARG B 290 15.48 14.93 12.37
C ARG B 290 15.70 15.15 13.88
N PRO B 291 16.21 16.33 14.28
CA PRO B 291 16.51 16.49 15.70
C PRO B 291 15.34 16.34 16.65
N ALA B 292 14.13 16.71 16.20
CA ALA B 292 12.92 16.50 17.02
C ALA B 292 12.74 14.97 17.35
N LEU B 293 13.08 14.09 16.42
CA LEU B 293 12.87 12.67 16.66
C LEU B 293 13.92 12.09 17.56
N THR B 294 15.15 12.62 17.43
CA THR B 294 16.23 12.23 18.34
C THR B 294 15.80 12.55 19.77
N TRP B 295 15.30 13.78 19.95
CA TRP B 295 14.87 14.30 21.23
C TRP B 295 13.70 13.45 21.79
N LEU B 296 12.74 13.20 20.90
CA LEU B 296 11.49 12.49 21.27
C LEU B 296 11.82 11.09 21.84
N ARG B 297 12.75 10.38 21.20
CA ARG B 297 13.11 9.04 21.71
C ARG B 297 13.61 9.11 23.14
N ASP B 298 14.55 10.05 23.35
CA ASP B 298 15.15 10.18 24.66
C ASP B 298 14.16 10.67 25.69
N TYR B 299 13.35 11.67 25.33
CA TYR B 299 12.27 12.16 26.17
C TYR B 299 11.26 11.02 26.58
N VAL B 300 10.81 10.21 25.62
CA VAL B 300 9.84 9.16 25.99
C VAL B 300 10.49 8.09 26.91
N ALA B 301 11.74 7.73 26.60
CA ALA B 301 12.49 6.86 27.53
C ALA B 301 12.61 7.41 28.97
N ALA B 302 12.80 8.72 29.08
CA ALA B 302 12.95 9.35 30.39
C ALA B 302 11.62 9.56 31.14
N HIS B 303 10.51 9.30 30.46
CA HIS B 303 9.11 9.54 30.93
C HIS B 303 8.14 8.35 30.79
N PRO B 304 8.44 7.22 31.51
CA PRO B 304 7.60 6.00 31.50
C PRO B 304 6.23 6.12 32.18
N GLY B 305 6.05 7.05 33.13
CA GLY B 305 4.72 7.37 33.73
C GLY B 305 4.03 6.33 34.61
#